data_9FA6
#
_entry.id   9FA6
#
_cell.length_a   52.689
_cell.length_b   74.025
_cell.length_c   68.701
_cell.angle_alpha   90.00
_cell.angle_beta   102.64
_cell.angle_gamma   90.00
#
_symmetry.space_group_name_H-M   'P 1 21 1'
#
loop_
_entity.id
_entity.type
_entity.pdbx_description
1 polymer 'Lysosomal acid glucosylceramidase'
2 branched 2-acetamido-2-deoxy-beta-D-glucopyranose-(1-4)-2-acetamido-2-deoxy-beta-D-glucopyranose
3 non-polymer 2-acetamido-2-deoxy-beta-D-glucopyranose
4 non-polymer 'POTASSIUM ION'
5 non-polymer 'SULFATE ION'
6 non-polymer ~{N}-[(2~{S})-3-azanyl-2-oxidanyl-propyl]-2-fluoranyl-benzenesulfonamide
7 non-polymer ~{N}-[(2~{R})-3-azanyl-2-oxidanyl-propyl]-2-fluoranyl-benzenesulfonamide
8 water water
#
_entity_poly.entity_id   1
_entity_poly.type   'polypeptide(L)'
_entity_poly.pdbx_seq_one_letter_code
;MEFSSPSREECPKPLSRVSIMAGSLTGLLLLQAVSWASGARPCIPKSFGYSSVVCVCNATYCDSFDPPTFPALGTFSRYE
STRSGRRMELSMGPIQANHTGTGLLLTLQPEQKFQKVKGFGGAMTDAAALNILALSPPAQNLLLKSYFSEEGIGYNIIRV
PMASCDFSIRTYTYADTPDDFQLHNFSLPEEDTKLKIPLIHRALQLAQRPVSLLASPWTSPTWLKTNGAVNGKGSLKGQP
GDIYHQTWARYFVKFLDAYAEHKLQFWAVTAENEPSAGLLSGYPFQCLGFTPEHQRDFIARDLGPTLANSTHHNVRLLML
DDQRLLLPHWAKVVLTDPEAAKYVHGIAVHWYLDFLAPAKATLGETHRLFPNTMLFASEACVGSKFWEQSVRLGSWDRGM
QYSHSIITNLLYHVVGWTDWNLALNPEGGPNWVRNFVDSPIIVDITKDTFYKQPMFYHLGHFSKFIPEGSQRVGLVASQK
NDLDAVALMHPDGSAVVVVLNRSSKDVPLTIKDPAVGFLETISPGYSIHTYLWRRQHHHHHHHHHH
;
_entity_poly.pdbx_strand_id   A
#
loop_
_chem_comp.id
_chem_comp.type
_chem_comp.name
_chem_comp.formula
A1IBE non-polymer ~{N}-[(2~{S})-3-azanyl-2-oxidanyl-propyl]-2-fluoranyl-benzenesulfonamide 'C9 H13 F N2 O3 S'
A1IBG non-polymer ~{N}-[(2~{R})-3-azanyl-2-oxidanyl-propyl]-2-fluoranyl-benzenesulfonamide 'C9 H13 F N2 O3 S'
K non-polymer 'POTASSIUM ION' 'K 1'
NAG D-saccharide, beta linking 2-acetamido-2-deoxy-beta-D-glucopyranose 'C8 H15 N O6'
SO4 non-polymer 'SULFATE ION' 'O4 S -2'
#
# COMPACT_ATOMS: atom_id res chain seq x y z
N ALA A 40 6.74 14.19 -19.62
CA ALA A 40 7.48 13.65 -20.79
C ALA A 40 6.50 13.28 -21.90
N ARG A 41 5.50 12.44 -21.58
CA ARG A 41 4.41 12.10 -22.49
C ARG A 41 3.11 12.29 -21.72
N PRO A 42 2.17 13.07 -22.24
CA PRO A 42 0.90 13.34 -21.53
C PRO A 42 -0.11 12.18 -21.58
N CYS A 43 -1.03 12.18 -20.63
CA CYS A 43 -2.16 11.26 -20.60
C CYS A 43 -2.92 11.36 -21.93
N ILE A 44 -3.28 10.20 -22.49
CA ILE A 44 -4.32 10.06 -23.53
C ILE A 44 -5.62 9.72 -22.83
N PRO A 45 -6.55 10.68 -22.70
CA PRO A 45 -7.76 10.43 -21.91
C PRO A 45 -8.81 9.65 -22.70
N LYS A 46 -9.58 8.87 -21.96
CA LYS A 46 -10.75 8.26 -22.48
C LYS A 46 -11.83 8.24 -21.39
N SER A 47 -13.05 8.53 -21.79
CA SER A 47 -14.17 8.50 -20.87
C SER A 47 -14.97 7.22 -21.10
N PHE A 48 -15.43 6.64 -19.99
CA PHE A 48 -16.31 5.48 -20.03
C PHE A 48 -17.65 5.80 -19.36
N GLY A 49 -17.90 7.09 -19.15
CA GLY A 49 -19.18 7.62 -18.69
C GLY A 49 -19.22 7.87 -17.19
N TYR A 50 -18.11 7.69 -16.49
CA TYR A 50 -18.03 8.00 -15.05
C TYR A 50 -17.57 9.45 -14.89
N SER A 51 -17.20 9.88 -13.68
CA SER A 51 -17.04 11.32 -13.45
C SER A 51 -15.76 11.85 -14.09
N SER A 52 -14.77 11.00 -14.33
CA SER A 52 -13.53 11.53 -14.93
C SER A 52 -13.04 10.55 -16.00
N VAL A 53 -11.79 10.66 -16.39
CA VAL A 53 -11.24 9.87 -17.51
C VAL A 53 -10.20 8.91 -16.97
N VAL A 54 -9.94 7.90 -17.78
CA VAL A 54 -8.75 7.08 -17.60
C VAL A 54 -7.70 7.56 -18.60
N CYS A 55 -6.46 7.19 -18.33
CA CYS A 55 -5.38 7.41 -19.25
C CYS A 55 -5.13 6.08 -19.94
N VAL A 56 -5.05 6.15 -21.27
CA VAL A 56 -4.97 4.92 -22.06
C VAL A 56 -3.53 4.68 -22.47
N CYS A 57 -3.03 3.49 -22.20
CA CYS A 57 -1.66 3.09 -22.54
C CYS A 57 -1.71 1.79 -23.35
N ASN A 58 -0.75 1.58 -24.21
CA ASN A 58 -0.78 0.43 -25.08
C ASN A 58 0.65 0.06 -25.47
N ALA A 59 0.84 -0.67 -26.55
CA ALA A 59 2.18 -1.23 -26.84
C ALA A 59 3.13 -0.15 -27.33
N THR A 60 2.63 1.02 -27.72
CA THR A 60 3.52 2.04 -28.27
C THR A 60 3.41 3.36 -27.51
N TYR A 61 2.60 3.46 -26.48
CA TYR A 61 2.40 4.75 -25.87
C TYR A 61 1.95 4.59 -24.44
N CYS A 62 2.58 5.33 -23.54
CA CYS A 62 2.04 5.50 -22.20
C CYS A 62 2.45 6.87 -21.69
N ASP A 63 1.66 7.44 -20.79
CA ASP A 63 2.07 8.73 -20.23
C ASP A 63 3.24 8.50 -19.30
N SER A 64 4.12 9.46 -19.21
CA SER A 64 5.31 9.26 -18.39
C SER A 64 5.87 10.63 -18.00
N PHE A 65 6.65 10.63 -16.95
CA PHE A 65 7.37 11.84 -16.55
C PHE A 65 8.80 11.87 -17.10
N ASP A 66 9.33 13.07 -17.18
CA ASP A 66 10.78 13.20 -17.35
C ASP A 66 11.50 12.66 -16.09
N PRO A 67 12.81 12.38 -16.18
CA PRO A 67 13.57 12.08 -14.97
C PRO A 67 13.37 13.16 -13.92
N PRO A 68 13.23 12.76 -12.65
CA PRO A 68 12.89 13.66 -11.57
C PRO A 68 14.03 14.67 -11.32
N THR A 69 13.64 15.95 -11.31
CA THR A 69 14.51 17.09 -11.06
C THR A 69 13.78 18.06 -10.13
N PHE A 70 14.51 18.61 -9.17
CA PHE A 70 13.95 19.66 -8.33
C PHE A 70 14.15 21.04 -8.96
N PRO A 71 13.20 21.93 -8.72
CA PRO A 71 13.43 23.32 -9.14
C PRO A 71 14.54 23.97 -8.29
N ALA A 72 15.24 24.97 -8.83
CA ALA A 72 16.23 25.71 -8.05
C ALA A 72 15.58 26.35 -6.82
N LEU A 73 16.42 26.65 -5.85
CA LEU A 73 16.04 27.43 -4.70
C LEU A 73 15.25 28.66 -5.15
N GLY A 74 14.13 28.92 -4.48
CA GLY A 74 13.31 30.07 -4.76
C GLY A 74 12.14 29.75 -5.70
N THR A 75 12.08 28.51 -6.15
CA THR A 75 11.02 28.03 -7.07
C THR A 75 10.36 26.81 -6.43
N PHE A 76 9.07 26.62 -6.67
CA PHE A 76 8.42 25.39 -6.26
C PHE A 76 7.87 24.66 -7.49
N SER A 77 7.71 23.37 -7.35
CA SER A 77 7.04 22.53 -8.34
C SER A 77 5.64 22.18 -7.85
N ARG A 78 4.67 22.25 -8.77
CA ARG A 78 3.32 21.83 -8.47
C ARG A 78 2.91 20.74 -9.46
N TYR A 79 2.45 19.61 -8.99
CA TYR A 79 1.86 18.57 -9.83
C TYR A 79 0.36 18.56 -9.57
N GLU A 80 -0.44 18.66 -10.63
CA GLU A 80 -1.88 18.84 -10.49
C GLU A 80 -2.64 17.73 -11.22
N SER A 81 -3.59 17.12 -10.52
CA SER A 81 -4.60 16.25 -11.17
C SER A 81 -5.99 16.82 -10.85
N THR A 82 -6.90 16.75 -11.83
CA THR A 82 -8.23 17.29 -11.65
C THR A 82 -9.24 16.31 -12.23
N ARG A 83 -10.43 16.32 -11.65
CA ARG A 83 -11.57 15.64 -12.26
C ARG A 83 -11.79 16.04 -13.72
N SER A 84 -11.61 17.32 -14.01
CA SER A 84 -11.76 17.85 -15.35
C SER A 84 -10.78 17.20 -16.33
N GLY A 85 -9.70 16.57 -15.84
CA GLY A 85 -8.93 15.63 -16.67
C GLY A 85 -7.42 15.83 -16.58
N ARG A 86 -6.92 16.85 -15.87
CA ARG A 86 -5.48 17.01 -15.73
C ARG A 86 -4.91 15.82 -14.97
N ARG A 87 -3.76 15.33 -15.42
CA ARG A 87 -3.15 14.15 -14.82
C ARG A 87 -1.66 14.41 -14.49
N MET A 88 -1.42 14.73 -13.22
CA MET A 88 -0.09 15.01 -12.64
C MET A 88 0.71 15.94 -13.57
N GLU A 89 0.03 17.00 -13.96
CA GLU A 89 0.63 18.02 -14.80
C GLU A 89 1.56 18.89 -13.96
N LEU A 90 2.76 19.15 -14.50
CA LEU A 90 3.78 19.89 -13.77
C LEU A 90 3.72 21.38 -14.15
N SER A 91 3.75 22.23 -13.16
CA SER A 91 3.97 23.66 -13.33
C SER A 91 4.89 24.16 -12.23
N MET A 92 5.48 25.32 -12.46
CA MET A 92 6.41 25.85 -11.47
C MET A 92 6.03 27.29 -11.13
N GLY A 93 6.34 27.69 -9.91
CA GLY A 93 6.06 29.05 -9.48
C GLY A 93 7.14 29.55 -8.53
N PRO A 94 7.13 30.85 -8.25
CA PRO A 94 8.08 31.49 -7.36
C PRO A 94 7.67 31.31 -5.89
N ILE A 95 8.66 31.13 -5.06
CA ILE A 95 8.48 31.30 -3.64
C ILE A 95 8.73 32.77 -3.32
N GLN A 96 7.81 33.39 -2.60
CA GLN A 96 7.84 34.83 -2.40
C GLN A 96 8.21 35.18 -0.96
N ALA A 97 9.05 36.20 -0.78
CA ALA A 97 9.45 36.63 0.55
C ALA A 97 8.27 37.18 1.35
N ASN A 98 7.33 37.79 0.64
CA ASN A 98 6.27 38.60 1.24
C ASN A 98 4.91 37.97 0.94
N HIS A 99 3.98 38.19 1.86
CA HIS A 99 2.58 37.81 1.73
C HIS A 99 1.73 38.94 2.32
N THR A 100 0.86 39.52 1.50
CA THR A 100 0.08 40.69 1.85
C THR A 100 -1.39 40.30 2.10
N GLY A 101 -1.77 39.06 1.79
CA GLY A 101 -3.14 38.61 1.93
C GLY A 101 -3.50 38.27 3.37
N THR A 102 -4.79 38.04 3.59
CA THR A 102 -5.34 37.66 4.90
C THR A 102 -6.25 36.43 4.77
N GLY A 103 -6.17 35.69 3.66
CA GLY A 103 -7.01 34.50 3.47
C GLY A 103 -6.34 33.25 4.05
N LEU A 104 -6.75 32.07 3.59
CA LEU A 104 -6.31 30.82 4.20
C LEU A 104 -4.80 30.65 4.03
N LEU A 105 -4.15 30.42 5.16
CA LEU A 105 -2.74 30.20 5.22
C LEU A 105 -2.49 28.82 5.87
N LEU A 106 -1.75 27.98 5.18
CA LEU A 106 -1.25 26.72 5.77
C LEU A 106 0.22 26.94 6.10
N THR A 107 0.57 26.89 7.39
CA THR A 107 1.94 27.13 7.79
C THR A 107 2.62 25.80 8.12
N LEU A 108 3.70 25.53 7.39
CA LEU A 108 4.54 24.36 7.61
C LEU A 108 5.17 24.47 9.00
N GLN A 109 5.23 23.31 9.64
CA GLN A 109 5.83 23.18 10.99
C GLN A 109 6.99 22.19 10.87
N PRO A 110 8.05 22.62 10.24
CA PRO A 110 9.08 21.64 9.87
C PRO A 110 9.81 21.01 11.05
N GLU A 111 9.79 21.65 12.23
CA GLU A 111 10.45 21.05 13.38
C GLU A 111 9.48 20.21 14.22
N GLN A 112 8.19 20.21 13.89
CA GLN A 112 7.21 19.36 14.56
C GLN A 112 7.20 18.04 13.79
N LYS A 113 7.89 17.03 14.32
CA LYS A 113 8.16 15.81 13.58
C LYS A 113 7.28 14.64 14.05
N PHE A 114 6.82 13.86 13.10
CA PHE A 114 5.99 12.67 13.39
C PHE A 114 6.73 11.43 12.89
N GLN A 115 6.03 10.53 12.20
CA GLN A 115 6.62 9.26 11.82
C GLN A 115 7.50 9.39 10.56
N LYS A 116 8.47 8.48 10.49
CA LYS A 116 9.22 8.26 9.25
C LYS A 116 8.45 7.31 8.33
N VAL A 117 8.55 7.54 7.03
CA VAL A 117 7.77 6.80 6.05
C VAL A 117 8.60 5.64 5.50
N LYS A 118 8.00 4.46 5.50
CA LYS A 118 8.60 3.28 4.89
C LYS A 118 8.37 3.32 3.37
N GLY A 119 7.14 3.58 2.95
CA GLY A 119 6.92 3.72 1.50
C GLY A 119 5.50 3.38 1.08
N PHE A 120 5.39 3.14 -0.23
CA PHE A 120 4.13 2.93 -0.97
C PHE A 120 4.33 1.80 -1.97
N GLY A 121 3.32 0.97 -2.13
CA GLY A 121 3.34 0.06 -3.25
C GLY A 121 2.01 -0.66 -3.39
N GLY A 122 2.12 -1.88 -3.87
CA GLY A 122 0.93 -2.68 -4.12
C GLY A 122 1.23 -4.16 -4.13
N ALA A 123 0.23 -4.97 -4.46
CA ALA A 123 0.35 -6.43 -4.28
C ALA A 123 0.52 -7.19 -5.59
N MET A 124 1.55 -8.04 -5.66
CA MET A 124 1.73 -8.96 -6.78
C MET A 124 1.02 -10.28 -6.52
N THR A 125 -0.29 -10.24 -6.65
CA THR A 125 -1.10 -11.44 -6.54
C THR A 125 -0.98 -12.25 -7.84
N ASP A 126 -1.49 -13.47 -7.80
CA ASP A 126 -1.54 -14.30 -8.99
C ASP A 126 -2.37 -13.58 -10.04
N ALA A 127 -3.49 -13.00 -9.64
CA ALA A 127 -4.33 -12.25 -10.59
C ALA A 127 -3.56 -11.10 -11.26
N ALA A 128 -2.81 -10.35 -10.48
CA ALA A 128 -2.07 -9.21 -11.07
C ALA A 128 -1.01 -9.74 -12.03
N ALA A 129 -0.31 -10.80 -11.62
CA ALA A 129 0.72 -11.37 -12.47
C ALA A 129 0.10 -11.85 -13.78
N LEU A 130 -1.02 -12.56 -13.73
CA LEU A 130 -1.66 -13.09 -14.96
C LEU A 130 -2.11 -11.94 -15.88
N ASN A 131 -2.62 -10.86 -15.29
CA ASN A 131 -3.12 -9.77 -16.11
C ASN A 131 -1.93 -9.05 -16.76
N ILE A 132 -0.87 -8.81 -15.98
CA ILE A 132 0.30 -8.10 -16.54
C ILE A 132 0.88 -8.93 -17.70
N LEU A 133 1.03 -10.23 -17.49
CA LEU A 133 1.71 -11.07 -18.48
C LEU A 133 0.80 -11.38 -19.68
N ALA A 134 -0.50 -11.09 -19.57
CA ALA A 134 -1.41 -11.21 -20.73
C ALA A 134 -1.19 -10.10 -21.74
N LEU A 135 -0.55 -9.00 -21.31
CA LEU A 135 -0.18 -7.94 -22.21
C LEU A 135 1.03 -8.39 -23.02
N SER A 136 1.17 -7.74 -24.16
CA SER A 136 2.37 -7.87 -24.97
C SER A 136 3.59 -7.35 -24.19
N PRO A 137 4.76 -7.93 -24.47
CA PRO A 137 5.94 -7.39 -23.75
C PRO A 137 6.11 -5.87 -23.73
N PRO A 138 5.91 -5.13 -24.85
CA PRO A 138 5.98 -3.67 -24.75
C PRO A 138 5.01 -3.06 -23.73
N ALA A 139 3.76 -3.51 -23.76
CA ALA A 139 2.80 -2.97 -22.83
C ALA A 139 3.11 -3.43 -21.39
N GLN A 140 3.64 -4.63 -21.19
CA GLN A 140 4.02 -5.09 -19.83
C GLN A 140 5.06 -4.12 -19.25
N ASN A 141 6.00 -3.78 -20.10
CA ASN A 141 7.09 -2.90 -19.71
C ASN A 141 6.56 -1.52 -19.30
N LEU A 142 5.62 -1.02 -20.07
CA LEU A 142 5.12 0.31 -19.82
C LEU A 142 4.27 0.31 -18.55
N LEU A 143 3.60 -0.82 -18.29
CA LEU A 143 2.81 -0.97 -17.07
C LEU A 143 3.77 -0.99 -15.89
N LEU A 144 4.79 -1.83 -15.96
CA LEU A 144 5.73 -1.92 -14.83
C LEU A 144 6.46 -0.58 -14.62
N LYS A 145 6.85 0.08 -15.71
CA LYS A 145 7.50 1.39 -15.57
C LYS A 145 6.56 2.40 -14.90
N SER A 146 5.28 2.31 -15.21
CA SER A 146 4.32 3.23 -14.67
C SER A 146 4.39 3.20 -13.13
N TYR A 147 4.57 1.98 -12.59
CA TYR A 147 4.56 1.86 -11.17
C TYR A 147 5.95 1.99 -10.54
N PHE A 148 6.99 1.44 -11.14
CA PHE A 148 8.27 1.23 -10.44
C PHE A 148 9.38 2.16 -10.94
N SER A 149 9.22 2.86 -12.04
CA SER A 149 10.33 3.64 -12.47
C SER A 149 10.19 5.09 -11.99
N GLU A 150 11.29 5.83 -12.14
CA GLU A 150 11.31 7.26 -11.82
C GLU A 150 10.53 8.03 -12.89
N GLU A 151 10.29 7.42 -14.05
CA GLU A 151 9.40 8.04 -15.07
C GLU A 151 7.94 7.67 -14.80
N GLY A 152 7.69 6.91 -13.73
CA GLY A 152 6.38 6.51 -13.21
C GLY A 152 6.19 7.04 -11.79
N ILE A 153 5.51 6.29 -10.92
CA ILE A 153 5.14 6.86 -9.64
C ILE A 153 5.97 6.29 -8.47
N GLY A 154 7.06 5.56 -8.74
CA GLY A 154 8.10 5.32 -7.74
C GLY A 154 7.71 4.36 -6.63
N TYR A 155 6.88 3.35 -6.88
CA TYR A 155 6.57 2.36 -5.84
C TYR A 155 7.84 1.75 -5.25
N ASN A 156 7.85 1.51 -3.94
CA ASN A 156 9.01 0.88 -3.35
C ASN A 156 8.60 -0.29 -2.43
N ILE A 157 7.36 -0.72 -2.50
CA ILE A 157 6.87 -1.89 -1.75
C ILE A 157 6.12 -2.84 -2.67
N ILE A 158 6.42 -4.12 -2.57
CA ILE A 158 5.58 -5.15 -3.16
C ILE A 158 5.16 -6.16 -2.09
N ARG A 159 3.86 -6.37 -2.00
CA ARG A 159 3.31 -7.39 -1.12
C ARG A 159 3.13 -8.68 -1.94
N VAL A 160 3.63 -9.80 -1.41
CA VAL A 160 3.63 -11.06 -2.09
C VAL A 160 2.85 -12.08 -1.27
N PRO A 161 1.73 -12.58 -1.78
CA PRO A 161 1.02 -13.66 -1.07
C PRO A 161 1.92 -14.90 -0.94
N MET A 162 1.84 -15.56 0.20
CA MET A 162 2.46 -16.86 0.37
C MET A 162 1.44 -17.90 -0.09
N ALA A 163 1.63 -18.35 -1.32
CA ALA A 163 0.74 -19.28 -2.03
C ALA A 163 -0.60 -18.61 -2.35
N SER A 164 -1.69 -19.36 -2.39
CA SER A 164 -2.87 -18.87 -3.11
C SER A 164 -3.77 -18.01 -2.19
N CYS A 165 -4.52 -17.14 -2.82
CA CYS A 165 -5.55 -16.37 -2.16
C CYS A 165 -6.79 -16.33 -3.05
N ASP A 166 -7.71 -15.41 -2.79
CA ASP A 166 -8.89 -15.32 -3.66
C ASP A 166 -8.54 -14.84 -5.04
N PHE A 167 -7.54 -13.96 -5.12
CA PHE A 167 -7.02 -13.46 -6.40
C PHE A 167 -6.01 -14.45 -6.96
N SER A 168 -6.46 -15.71 -7.04
CA SER A 168 -5.75 -16.85 -7.62
C SER A 168 -6.79 -17.58 -8.47
N ILE A 169 -6.33 -18.34 -9.44
CA ILE A 169 -7.25 -19.11 -10.24
C ILE A 169 -7.12 -20.60 -9.89
N ARG A 170 -6.14 -20.94 -9.06
CA ARG A 170 -5.90 -22.29 -8.60
C ARG A 170 -5.72 -22.20 -7.08
N THR A 171 -6.24 -23.18 -6.34
CA THR A 171 -6.05 -23.21 -4.90
C THR A 171 -4.91 -24.18 -4.62
N TYR A 172 -3.91 -23.69 -3.90
CA TYR A 172 -2.71 -24.49 -3.65
C TYR A 172 -1.99 -23.88 -2.45
N THR A 173 -1.19 -24.70 -1.78
CA THR A 173 -0.21 -24.21 -0.83
C THR A 173 1.14 -24.73 -1.30
N TYR A 174 2.20 -24.40 -0.57
CA TYR A 174 3.50 -24.88 -0.96
C TYR A 174 3.79 -26.27 -0.38
N ALA A 175 2.92 -26.84 0.46
CA ALA A 175 3.17 -28.15 1.04
C ALA A 175 1.87 -28.94 1.17
N ASP A 176 1.25 -29.25 0.03
CA ASP A 176 -0.04 -29.93 0.00
C ASP A 176 0.04 -31.43 0.30
N THR A 177 1.22 -32.03 0.18
CA THR A 177 1.40 -33.43 0.53
C THR A 177 1.18 -33.61 2.04
N PRO A 178 0.15 -34.40 2.45
CA PRO A 178 -0.18 -34.50 3.87
C PRO A 178 0.85 -35.16 4.79
N ASP A 179 0.83 -34.71 6.05
CA ASP A 179 1.65 -35.24 7.14
C ASP A 179 3.15 -35.10 6.92
N ASP A 180 3.51 -34.07 6.16
CA ASP A 180 4.91 -33.76 5.87
C ASP A 180 5.39 -32.71 6.86
N PHE A 181 5.48 -33.10 8.14
CA PHE A 181 5.73 -32.14 9.22
C PHE A 181 7.15 -31.57 9.14
N GLN A 182 8.09 -32.30 8.52
CA GLN A 182 9.42 -31.71 8.32
C GLN A 182 9.48 -30.85 7.04
N LEU A 183 8.42 -30.82 6.24
CA LEU A 183 8.29 -29.96 5.04
C LEU A 183 9.36 -30.29 3.98
N HIS A 184 9.67 -31.56 3.81
CA HIS A 184 10.62 -32.01 2.79
C HIS A 184 10.06 -31.79 1.38
N ASN A 185 8.74 -31.80 1.22
CA ASN A 185 8.14 -31.62 -0.08
C ASN A 185 7.69 -30.16 -0.27
N PHE A 186 8.08 -29.25 0.62
CA PHE A 186 7.82 -27.82 0.38
C PHE A 186 8.43 -27.41 -0.97
N SER A 187 7.70 -26.72 -1.82
CA SER A 187 8.31 -26.21 -3.05
C SER A 187 7.40 -25.17 -3.70
N LEU A 188 8.04 -24.32 -4.50
CA LEU A 188 7.30 -23.26 -5.20
C LEU A 188 6.79 -23.79 -6.52
N PRO A 189 5.52 -23.54 -6.81
CA PRO A 189 4.98 -23.87 -8.10
C PRO A 189 5.25 -22.76 -9.13
N GLU A 190 4.76 -22.98 -10.34
CA GLU A 190 4.98 -22.08 -11.45
C GLU A 190 4.32 -20.72 -11.18
N GLU A 191 3.25 -20.66 -10.38
CA GLU A 191 2.69 -19.36 -10.02
C GLU A 191 3.78 -18.45 -9.46
N ASP A 192 4.70 -19.01 -8.69
CA ASP A 192 5.82 -18.23 -8.18
C ASP A 192 6.98 -18.19 -9.17
N THR A 193 7.41 -19.35 -9.64
CA THR A 193 8.69 -19.42 -10.33
C THR A 193 8.60 -18.88 -11.77
N LYS A 194 7.43 -18.92 -12.37
CA LYS A 194 7.25 -18.53 -13.77
C LYS A 194 6.54 -17.16 -13.87
N LEU A 195 5.72 -16.81 -12.87
CA LEU A 195 4.91 -15.59 -12.94
C LEU A 195 5.39 -14.54 -11.93
N LYS A 196 5.25 -14.79 -10.62
CA LYS A 196 5.47 -13.73 -9.67
C LYS A 196 6.94 -13.36 -9.56
N ILE A 197 7.83 -14.35 -9.45
CA ILE A 197 9.23 -14.06 -9.17
C ILE A 197 9.86 -13.31 -10.34
N PRO A 198 9.70 -13.79 -11.56
CA PRO A 198 10.19 -13.00 -12.70
C PRO A 198 9.64 -11.57 -12.78
N LEU A 199 8.36 -11.34 -12.53
CA LEU A 199 7.83 -9.97 -12.53
C LEU A 199 8.44 -9.14 -11.40
N ILE A 200 8.66 -9.72 -10.24
CA ILE A 200 9.25 -8.98 -9.18
C ILE A 200 10.66 -8.56 -9.59
N HIS A 201 11.40 -9.49 -10.18
CA HIS A 201 12.73 -9.17 -10.62
C HIS A 201 12.72 -8.02 -11.64
N ARG A 202 11.74 -8.02 -12.54
CA ARG A 202 11.65 -6.98 -13.58
C ARG A 202 11.34 -5.63 -12.90
N ALA A 203 10.44 -5.61 -11.95
CA ALA A 203 10.14 -4.40 -11.17
C ALA A 203 11.40 -3.83 -10.49
N LEU A 204 12.14 -4.71 -9.87
CA LEU A 204 13.36 -4.34 -9.18
C LEU A 204 14.37 -3.73 -10.17
N GLN A 205 14.45 -4.25 -11.39
CA GLN A 205 15.41 -3.71 -12.33
C GLN A 205 15.00 -2.29 -12.75
N LEU A 206 13.72 -2.01 -12.81
CA LEU A 206 13.23 -0.70 -13.27
C LEU A 206 13.35 0.35 -12.15
N ALA A 207 13.28 -0.09 -10.90
CA ALA A 207 13.29 0.82 -9.76
C ALA A 207 14.68 1.38 -9.50
N GLN A 208 14.76 2.69 -9.27
CA GLN A 208 15.99 3.32 -8.73
C GLN A 208 15.93 3.33 -7.19
N ARG A 209 14.74 3.39 -6.63
CA ARG A 209 14.54 3.28 -5.18
C ARG A 209 14.68 1.82 -4.78
N PRO A 210 15.37 1.53 -3.67
CA PRO A 210 15.32 0.16 -3.13
C PRO A 210 13.88 -0.31 -2.83
N VAL A 211 13.52 -1.52 -3.29
CA VAL A 211 12.17 -2.04 -3.12
C VAL A 211 12.18 -3.02 -1.94
N SER A 212 11.16 -2.89 -1.09
CA SER A 212 10.93 -3.78 0.02
C SER A 212 9.79 -4.75 -0.29
N LEU A 213 10.01 -6.03 -0.01
CA LEU A 213 8.97 -7.03 -0.17
C LEU A 213 8.35 -7.38 1.18
N LEU A 214 7.04 -7.57 1.19
CA LEU A 214 6.27 -7.97 2.35
C LEU A 214 5.53 -9.25 1.98
N ALA A 215 5.58 -10.28 2.81
CA ALA A 215 4.88 -11.52 2.51
C ALA A 215 3.79 -11.80 3.54
N SER A 216 2.70 -12.38 3.08
CA SER A 216 1.57 -12.67 3.91
C SER A 216 0.95 -14.00 3.47
N PRO A 217 0.69 -14.90 4.38
CA PRO A 217 -0.10 -16.09 4.03
C PRO A 217 -1.60 -15.94 4.25
N TRP A 218 -2.36 -16.65 3.46
CA TRP A 218 -3.81 -16.72 3.65
C TRP A 218 -4.20 -18.02 4.36
N THR A 219 -3.70 -19.15 3.87
CA THR A 219 -4.05 -20.44 4.49
C THR A 219 -2.78 -21.27 4.61
N SER A 220 -2.81 -22.14 5.59
CA SER A 220 -1.83 -23.20 5.70
C SER A 220 -2.24 -24.38 4.83
N PRO A 221 -1.35 -25.36 4.66
CA PRO A 221 -1.76 -26.65 4.14
C PRO A 221 -2.97 -27.19 4.93
N THR A 222 -3.90 -27.85 4.26
CA THR A 222 -5.17 -28.19 4.89
C THR A 222 -4.95 -29.23 5.99
N TRP A 223 -3.89 -30.01 5.89
CA TRP A 223 -3.63 -31.04 6.90
C TRP A 223 -3.14 -30.45 8.24
N LEU A 224 -2.86 -29.14 8.30
CA LEU A 224 -2.55 -28.48 9.57
C LEU A 224 -3.81 -27.83 10.18
N LYS A 225 -4.98 -27.93 9.55
CA LYS A 225 -6.11 -27.14 10.00
C LYS A 225 -7.22 -28.01 10.57
N THR A 226 -7.99 -27.40 11.48
CA THR A 226 -9.07 -28.10 12.22
C THR A 226 -10.16 -28.61 11.27
N ASN A 227 -10.39 -27.91 10.17
CA ASN A 227 -11.51 -28.20 9.27
C ASN A 227 -11.02 -28.89 7.99
N GLY A 228 -9.71 -29.05 7.81
CA GLY A 228 -9.17 -29.73 6.63
C GLY A 228 -9.62 -29.16 5.30
N ALA A 229 -9.85 -27.84 5.21
CA ALA A 229 -10.16 -27.17 3.94
C ALA A 229 -9.44 -25.82 3.89
N VAL A 230 -9.22 -25.26 2.69
CA VAL A 230 -8.48 -23.95 2.61
C VAL A 230 -9.37 -22.79 3.08
N ASN A 231 -10.68 -22.97 3.01
CA ASN A 231 -11.64 -21.93 3.36
C ASN A 231 -12.52 -22.46 4.51
N GLY A 232 -13.58 -21.74 4.86
CA GLY A 232 -14.43 -22.13 5.96
C GLY A 232 -13.82 -21.70 7.29
N LYS A 233 -14.57 -21.95 8.34
CA LYS A 233 -14.12 -21.69 9.69
C LYS A 233 -13.08 -22.74 10.10
N GLY A 234 -11.86 -22.29 10.42
CA GLY A 234 -10.85 -23.22 10.95
C GLY A 234 -9.52 -22.52 11.22
N SER A 235 -8.79 -23.19 12.08
CA SER A 235 -7.56 -22.71 12.66
C SER A 235 -6.52 -23.82 12.54
N LEU A 236 -5.31 -23.52 12.98
CA LEU A 236 -4.31 -24.57 13.13
C LEU A 236 -4.82 -25.55 14.19
N LYS A 237 -4.54 -26.83 13.96
CA LYS A 237 -4.88 -27.82 14.95
C LYS A 237 -3.99 -27.61 16.17
N GLY A 238 -4.42 -28.17 17.29
CA GLY A 238 -3.63 -28.23 18.50
C GLY A 238 -3.46 -26.85 19.13
N GLN A 239 -2.26 -26.62 19.68
CA GLN A 239 -1.97 -25.48 20.54
C GLN A 239 -0.59 -24.91 20.17
N PRO A 240 -0.44 -23.57 20.20
CA PRO A 240 0.89 -22.99 20.02
C PRO A 240 1.96 -23.73 20.86
N GLY A 241 3.09 -23.93 20.21
CA GLY A 241 4.20 -24.70 20.76
C GLY A 241 4.16 -26.18 20.40
N ASP A 242 3.10 -26.66 19.75
CA ASP A 242 3.04 -28.06 19.33
C ASP A 242 3.51 -28.25 17.88
N ILE A 243 3.50 -29.51 17.43
CA ILE A 243 4.01 -29.86 16.11
C ILE A 243 3.29 -29.09 15.00
N TYR A 244 1.98 -28.88 15.09
CA TYR A 244 1.25 -28.21 14.02
C TYR A 244 1.75 -26.76 13.87
N HIS A 245 1.91 -26.10 15.01
CA HIS A 245 2.32 -24.70 15.09
C HIS A 245 3.79 -24.56 14.69
N GLN A 246 4.63 -25.52 15.11
CA GLN A 246 6.04 -25.46 14.77
C GLN A 246 6.21 -25.69 13.27
N THR A 247 5.43 -26.60 12.72
CA THR A 247 5.46 -26.83 11.26
C THR A 247 5.03 -25.55 10.52
N TRP A 248 3.96 -24.93 11.00
CA TRP A 248 3.49 -23.74 10.32
C TRP A 248 4.57 -22.66 10.36
N ALA A 249 5.19 -22.43 11.51
CA ALA A 249 6.29 -21.42 11.59
C ALA A 249 7.43 -21.79 10.64
N ARG A 250 7.72 -23.06 10.48
CA ARG A 250 8.83 -23.51 9.67
C ARG A 250 8.50 -23.29 8.18
N TYR A 251 7.22 -23.36 7.84
CA TYR A 251 6.77 -23.04 6.49
C TYR A 251 7.14 -21.60 6.13
N PHE A 252 7.09 -20.68 7.09
CA PHE A 252 7.52 -19.31 6.78
C PHE A 252 9.00 -19.31 6.41
N VAL A 253 9.81 -20.06 7.15
CA VAL A 253 11.22 -20.04 6.89
C VAL A 253 11.50 -20.72 5.53
N LYS A 254 10.78 -21.79 5.21
CA LYS A 254 10.96 -22.46 3.92
C LYS A 254 10.59 -21.51 2.78
N PHE A 255 9.54 -20.73 2.99
CA PHE A 255 9.15 -19.73 2.01
C PHE A 255 10.29 -18.73 1.79
N LEU A 256 10.84 -18.20 2.88
CA LEU A 256 11.90 -17.19 2.73
C LEU A 256 13.14 -17.83 2.11
N ASP A 257 13.46 -19.05 2.53
CA ASP A 257 14.56 -19.79 1.93
C ASP A 257 14.40 -19.95 0.41
N ALA A 258 13.19 -20.29 -0.02
CA ALA A 258 12.91 -20.60 -1.42
C ALA A 258 13.04 -19.30 -2.23
N TYR A 259 12.47 -18.24 -1.73
CA TYR A 259 12.59 -16.95 -2.43
C TYR A 259 14.05 -16.48 -2.41
N ALA A 260 14.79 -16.73 -1.35
CA ALA A 260 16.22 -16.36 -1.29
C ALA A 260 17.04 -17.10 -2.35
N GLU A 261 16.72 -18.37 -2.64
CA GLU A 261 17.33 -19.11 -3.78
C GLU A 261 17.12 -18.36 -5.11
N HIS A 262 16.02 -17.64 -5.22
CA HIS A 262 15.71 -16.83 -6.42
C HIS A 262 16.20 -15.39 -6.25
N LYS A 263 17.06 -15.16 -5.26
CA LYS A 263 17.73 -13.89 -5.00
C LYS A 263 16.73 -12.79 -4.62
N LEU A 264 15.65 -13.15 -3.94
CA LEU A 264 14.75 -12.13 -3.38
C LEU A 264 14.76 -12.25 -1.85
N GLN A 265 14.93 -11.12 -1.17
CA GLN A 265 14.91 -11.07 0.29
C GLN A 265 13.73 -10.23 0.73
N PHE A 266 13.14 -10.55 1.88
CA PHE A 266 11.97 -9.83 2.37
C PHE A 266 12.35 -8.80 3.44
N TRP A 267 11.59 -7.71 3.46
CA TRP A 267 11.71 -6.71 4.49
C TRP A 267 10.89 -7.16 5.70
N ALA A 268 9.74 -7.74 5.45
CA ALA A 268 8.79 -8.10 6.51
C ALA A 268 7.86 -9.23 6.06
N VAL A 269 7.27 -9.84 7.07
CA VAL A 269 6.21 -10.77 6.88
C VAL A 269 5.10 -10.43 7.86
N THR A 270 3.86 -10.70 7.49
CA THR A 270 2.81 -10.64 8.46
C THR A 270 2.51 -12.05 8.98
N ALA A 271 1.97 -12.10 10.19
CA ALA A 271 1.74 -13.36 10.84
C ALA A 271 0.56 -14.15 10.25
N GLU A 272 -0.28 -13.50 9.45
CA GLU A 272 -1.45 -14.10 8.79
C GLU A 272 -2.25 -12.96 8.16
N ASN A 273 -2.66 -13.12 6.91
CA ASN A 273 -3.63 -12.20 6.34
C ASN A 273 -4.98 -12.39 7.03
N GLU A 274 -5.49 -11.29 7.61
CA GLU A 274 -6.86 -11.21 8.16
C GLU A 274 -7.19 -12.44 9.02
N PRO A 275 -6.47 -12.60 10.14
CA PRO A 275 -6.69 -13.70 11.05
C PRO A 275 -8.13 -13.81 11.58
N SER A 276 -8.85 -12.68 11.67
CA SER A 276 -10.24 -12.71 12.16
C SER A 276 -11.14 -13.46 11.16
N ALA A 277 -10.80 -13.44 9.88
CA ALA A 277 -11.69 -14.00 8.84
C ALA A 277 -11.90 -15.51 9.03
N GLY A 278 -10.87 -16.24 9.50
CA GLY A 278 -10.99 -17.69 9.60
C GLY A 278 -11.77 -18.13 10.83
N LEU A 279 -12.23 -17.17 11.62
CA LEU A 279 -13.11 -17.50 12.75
C LEU A 279 -14.58 -17.52 12.30
N LEU A 280 -14.85 -17.20 11.03
CA LEU A 280 -16.22 -16.95 10.55
C LEU A 280 -16.77 -18.16 9.77
N SER A 281 -17.88 -18.70 10.25
CA SER A 281 -18.60 -19.77 9.57
C SER A 281 -18.77 -19.47 8.08
N GLY A 282 -18.39 -20.43 7.26
CA GLY A 282 -18.61 -20.39 5.83
C GLY A 282 -17.72 -19.38 5.11
N TYR A 283 -16.61 -18.95 5.71
CA TYR A 283 -15.80 -17.98 5.02
C TYR A 283 -15.42 -18.55 3.65
N PRO A 284 -15.64 -17.77 2.56
CA PRO A 284 -15.62 -18.35 1.21
C PRO A 284 -14.26 -18.72 0.61
N PHE A 285 -13.15 -18.16 1.09
CA PHE A 285 -11.88 -18.45 0.44
C PHE A 285 -10.79 -18.62 1.50
N GLN A 286 -9.55 -18.72 1.02
CA GLN A 286 -8.42 -19.15 1.85
C GLN A 286 -8.31 -18.29 3.10
N CYS A 287 -8.26 -18.97 4.25
CA CYS A 287 -8.12 -18.27 5.49
C CYS A 287 -7.52 -19.18 6.56
N LEU A 288 -7.15 -18.58 7.67
CA LEU A 288 -6.66 -19.32 8.81
C LEU A 288 -6.97 -18.47 10.04
N GLY A 289 -7.86 -18.98 10.86
CA GLY A 289 -8.40 -18.18 11.94
C GLY A 289 -7.48 -18.19 13.16
N PHE A 290 -7.22 -17.00 13.66
CA PHE A 290 -6.57 -16.82 14.97
C PHE A 290 -7.35 -15.81 15.81
N THR A 291 -7.70 -16.16 17.04
CA THR A 291 -8.07 -15.11 18.01
C THR A 291 -6.82 -14.28 18.34
N PRO A 292 -6.99 -13.12 18.97
CA PRO A 292 -5.77 -12.37 19.35
C PRO A 292 -4.87 -13.14 20.34
N GLU A 293 -5.46 -13.89 21.28
CA GLU A 293 -4.68 -14.69 22.19
C GLU A 293 -3.95 -15.80 21.41
N HIS A 294 -4.59 -16.37 20.40
CA HIS A 294 -3.93 -17.41 19.59
C HIS A 294 -2.74 -16.81 18.82
N GLN A 295 -2.92 -15.66 18.22
CA GLN A 295 -1.82 -15.02 17.50
C GLN A 295 -0.68 -14.69 18.48
N ARG A 296 -1.03 -14.23 19.68
CA ARG A 296 -0.03 -13.88 20.70
C ARG A 296 0.87 -15.10 20.99
N ASP A 297 0.20 -16.20 21.26
CA ASP A 297 0.91 -17.42 21.67
C ASP A 297 1.69 -18.02 20.51
N PHE A 298 1.11 -18.03 19.31
CA PHE A 298 1.81 -18.45 18.11
C PHE A 298 3.12 -17.64 17.90
N ILE A 299 3.02 -16.32 17.99
CA ILE A 299 4.18 -15.46 17.77
C ILE A 299 5.21 -15.77 18.87
N ALA A 300 4.77 -15.83 20.11
CA ALA A 300 5.70 -16.00 21.25
C ALA A 300 6.37 -17.38 21.24
N ARG A 301 5.61 -18.42 20.93
CA ARG A 301 6.08 -19.79 21.14
C ARG A 301 6.70 -20.34 19.84
N ASP A 302 6.24 -19.87 18.68
CA ASP A 302 6.57 -20.53 17.44
C ASP A 302 7.18 -19.59 16.43
N LEU A 303 6.45 -18.60 15.95
CA LEU A 303 6.90 -17.84 14.79
C LEU A 303 8.10 -16.95 15.13
N GLY A 304 8.03 -16.21 16.24
CA GLY A 304 9.11 -15.30 16.61
C GLY A 304 10.43 -16.05 16.78
N PRO A 305 10.43 -17.07 17.65
CA PRO A 305 11.65 -17.90 17.88
C PRO A 305 12.16 -18.57 16.60
N THR A 306 11.27 -19.03 15.72
CA THR A 306 11.71 -19.72 14.51
C THR A 306 12.37 -18.73 13.53
N LEU A 307 11.80 -17.57 13.37
CA LEU A 307 12.39 -16.53 12.49
C LEU A 307 13.74 -16.06 13.06
N ALA A 308 13.79 -15.86 14.37
CA ALA A 308 14.99 -15.33 15.02
C ALA A 308 16.12 -16.37 14.98
N ASN A 309 15.78 -17.66 14.94
CA ASN A 309 16.78 -18.74 14.86
C ASN A 309 17.19 -19.01 13.39
N SER A 310 16.64 -18.28 12.43
CA SER A 310 16.91 -18.56 11.02
C SER A 310 17.90 -17.52 10.48
N THR A 311 18.35 -17.74 9.25
CA THR A 311 19.24 -16.80 8.60
C THR A 311 18.44 -15.55 8.23
N HIS A 312 17.11 -15.62 8.32
CA HIS A 312 16.21 -14.53 7.95
C HIS A 312 15.86 -13.66 9.16
N HIS A 313 16.68 -13.66 10.20
CA HIS A 313 16.32 -13.04 11.46
C HIS A 313 16.13 -11.52 11.35
N ASN A 314 16.59 -10.88 10.27
CA ASN A 314 16.43 -9.44 10.11
C ASN A 314 15.08 -9.12 9.46
N VAL A 315 14.36 -10.13 9.01
CA VAL A 315 13.04 -9.88 8.46
C VAL A 315 12.15 -9.43 9.62
N ARG A 316 11.36 -8.38 9.41
CA ARG A 316 10.52 -7.83 10.45
C ARG A 316 9.21 -8.63 10.46
N LEU A 317 8.63 -8.79 11.65
CA LEU A 317 7.33 -9.45 11.80
C LEU A 317 6.25 -8.38 12.09
N LEU A 318 5.20 -8.37 11.27
CA LEU A 318 4.06 -7.50 11.56
C LEU A 318 2.87 -8.33 12.04
N MET A 319 2.19 -7.85 13.08
CA MET A 319 0.98 -8.50 13.59
C MET A 319 -0.26 -7.85 12.96
N LEU A 320 -1.37 -8.50 13.25
CA LEU A 320 -2.75 -8.11 12.88
C LEU A 320 -3.02 -8.37 11.39
N ASP A 321 -2.58 -7.50 10.47
CA ASP A 321 -2.88 -7.63 9.05
C ASP A 321 -4.37 -7.76 8.82
N ASP A 322 -5.10 -6.85 9.46
CA ASP A 322 -6.56 -6.93 9.44
C ASP A 322 -7.14 -5.51 9.61
N GLN A 323 -8.45 -5.46 9.71
CA GLN A 323 -9.16 -4.19 9.78
C GLN A 323 -8.95 -3.48 11.12
N ARG A 324 -9.04 -2.14 11.05
CA ARG A 324 -8.57 -1.29 12.14
C ARG A 324 -9.51 -1.42 13.35
N LEU A 325 -10.77 -1.83 13.19
CA LEU A 325 -11.65 -1.89 14.36
C LEU A 325 -11.23 -3.01 15.33
N LEU A 326 -10.29 -3.87 14.94
CA LEU A 326 -9.71 -4.83 15.89
C LEU A 326 -8.70 -4.16 16.82
N LEU A 327 -8.39 -2.90 16.59
CA LEU A 327 -7.49 -2.11 17.44
C LEU A 327 -8.29 -1.14 18.29
N PRO A 328 -7.82 -0.83 19.49
CA PRO A 328 -6.51 -1.31 20.01
C PRO A 328 -6.54 -2.68 20.69
N HIS A 329 -7.71 -3.33 20.81
CA HIS A 329 -7.81 -4.60 21.51
C HIS A 329 -6.72 -5.60 21.12
N TRP A 330 -6.52 -5.82 19.84
CA TRP A 330 -5.57 -6.85 19.38
C TRP A 330 -4.15 -6.49 19.81
N ALA A 331 -3.82 -5.22 19.68
CA ALA A 331 -2.51 -4.71 20.09
C ALA A 331 -2.32 -4.91 21.60
N LYS A 332 -3.34 -4.60 22.39
CA LYS A 332 -3.20 -4.79 23.82
C LYS A 332 -2.93 -6.26 24.11
N VAL A 333 -3.64 -7.16 23.43
CA VAL A 333 -3.55 -8.57 23.79
C VAL A 333 -2.14 -9.07 23.46
N VAL A 334 -1.64 -8.75 22.28
CA VAL A 334 -0.39 -9.29 21.83
C VAL A 334 0.77 -8.57 22.55
N LEU A 335 0.75 -7.23 22.60
CA LEU A 335 1.96 -6.49 22.96
C LEU A 335 2.10 -6.34 24.47
N THR A 336 1.07 -6.62 25.25
CA THR A 336 1.21 -6.59 26.71
C THR A 336 1.87 -7.89 27.20
N ASP A 337 2.02 -8.90 26.33
CA ASP A 337 2.80 -10.12 26.67
C ASP A 337 4.27 -9.93 26.28
N PRO A 338 5.16 -9.78 27.25
CA PRO A 338 6.53 -9.45 26.87
C PRO A 338 7.18 -10.47 25.90
N GLU A 339 6.79 -11.75 25.98
CA GLU A 339 7.42 -12.78 25.15
C GLU A 339 6.98 -12.64 23.68
N ALA A 340 5.73 -12.23 23.43
CA ALA A 340 5.32 -11.92 22.05
C ALA A 340 5.85 -10.54 21.64
N ALA A 341 5.71 -9.56 22.52
CA ALA A 341 6.12 -8.18 22.28
C ALA A 341 7.55 -8.12 21.73
N LYS A 342 8.46 -8.98 22.21
CA LYS A 342 9.85 -8.82 21.79
C LYS A 342 10.06 -9.31 20.36
N TYR A 343 9.08 -9.97 19.75
CA TYR A 343 9.17 -10.38 18.34
C TYR A 343 8.42 -9.46 17.38
N VAL A 344 7.58 -8.53 17.83
CA VAL A 344 6.65 -7.84 16.92
C VAL A 344 7.24 -6.46 16.59
N HIS A 345 7.48 -6.19 15.32
CA HIS A 345 8.08 -4.92 14.86
C HIS A 345 7.00 -3.87 14.55
N GLY A 346 5.82 -4.31 14.20
CA GLY A 346 4.80 -3.38 13.77
C GLY A 346 3.45 -4.03 13.64
N ILE A 347 2.48 -3.20 13.37
CA ILE A 347 1.10 -3.62 13.24
C ILE A 347 0.64 -3.27 11.83
N ALA A 348 0.20 -4.30 11.11
CA ALA A 348 -0.30 -4.15 9.74
C ALA A 348 -1.82 -3.94 9.78
N VAL A 349 -2.32 -2.94 9.09
CA VAL A 349 -3.75 -2.67 9.02
C VAL A 349 -4.23 -2.65 7.58
N HIS A 350 -5.48 -3.08 7.41
CA HIS A 350 -6.18 -3.07 6.10
C HIS A 350 -7.19 -1.93 6.05
N TRP A 351 -7.36 -1.38 4.87
CA TRP A 351 -8.35 -0.34 4.58
C TRP A 351 -9.36 -0.84 3.56
N TYR A 352 -10.61 -0.99 3.95
CA TYR A 352 -11.66 -1.29 2.99
C TYR A 352 -12.43 -0.01 2.72
N LEU A 353 -12.15 0.62 1.60
CA LEU A 353 -12.55 2.00 1.42
C LEU A 353 -14.06 2.11 1.17
N ASP A 354 -14.75 1.00 0.88
CA ASP A 354 -16.22 0.99 0.76
C ASP A 354 -16.92 1.12 2.11
N PHE A 355 -16.17 1.07 3.21
CA PHE A 355 -16.78 1.00 4.54
C PHE A 355 -16.29 2.18 5.41
N LEU A 356 -17.03 2.46 6.46
CA LEU A 356 -16.68 3.47 7.45
C LEU A 356 -16.11 2.81 8.70
N ALA A 357 -15.06 3.39 9.25
CA ALA A 357 -14.66 3.01 10.61
C ALA A 357 -13.88 4.17 11.24
N PRO A 358 -13.92 4.28 12.56
CA PRO A 358 -13.17 5.36 13.21
C PRO A 358 -11.66 5.15 13.07
N ALA A 359 -10.94 6.26 12.99
CA ALA A 359 -9.47 6.29 12.87
C ALA A 359 -8.86 6.73 14.21
N LYS A 360 -9.40 7.76 14.83
CA LYS A 360 -8.84 8.23 16.08
C LYS A 360 -8.93 7.16 17.17
N ALA A 361 -10.08 6.51 17.34
CA ALA A 361 -10.29 5.50 18.36
C ALA A 361 -9.50 4.20 18.06
N THR A 362 -9.00 3.99 16.86
CA THR A 362 -8.34 2.73 16.50
C THR A 362 -6.84 3.00 16.37
N LEU A 363 -6.48 3.67 15.29
CA LEU A 363 -5.06 4.01 14.99
C LEU A 363 -4.52 5.01 16.01
N GLY A 364 -5.29 6.03 16.33
CA GLY A 364 -4.85 7.03 17.33
C GLY A 364 -4.55 6.41 18.68
N GLU A 365 -5.53 5.65 19.16
CA GLU A 365 -5.43 5.02 20.46
C GLU A 365 -4.26 4.02 20.46
N THR A 366 -4.05 3.31 19.35
CA THR A 366 -2.99 2.30 19.34
C THR A 366 -1.63 3.00 19.43
N HIS A 367 -1.50 4.11 18.72
CA HIS A 367 -0.29 4.89 18.76
C HIS A 367 -0.04 5.42 20.17
N ARG A 368 -1.08 5.88 20.84
CA ARG A 368 -0.93 6.42 22.20
C ARG A 368 -0.44 5.32 23.15
N LEU A 369 -1.00 4.12 23.00
CA LEU A 369 -0.73 3.03 23.94
C LEU A 369 0.61 2.36 23.58
N PHE A 370 0.96 2.34 22.30
CA PHE A 370 2.15 1.60 21.85
C PHE A 370 2.94 2.48 20.89
N PRO A 371 3.47 3.61 21.38
CA PRO A 371 4.12 4.53 20.44
C PRO A 371 5.39 4.01 19.77
N ASN A 372 6.01 2.95 20.28
CA ASN A 372 7.24 2.48 19.68
C ASN A 372 6.98 1.33 18.70
N THR A 373 5.72 0.96 18.44
CA THR A 373 5.39 -0.12 17.55
C THR A 373 4.79 0.52 16.29
N MET A 374 5.48 0.45 15.16
CA MET A 374 4.99 1.18 13.99
CA MET A 374 5.00 1.15 13.99
C MET A 374 3.69 0.54 13.50
N LEU A 375 2.89 1.40 12.89
CA LEU A 375 1.66 1.08 12.21
C LEU A 375 1.94 1.13 10.71
N PHE A 376 1.47 0.17 9.97
CA PHE A 376 1.71 0.13 8.51
C PHE A 376 0.46 -0.33 7.77
N ALA A 377 0.06 0.32 6.71
CA ALA A 377 -1.14 -0.13 5.99
C ALA A 377 -0.72 -1.10 4.88
N SER A 378 -1.15 -2.37 5.03
CA SER A 378 -0.63 -3.48 4.20
C SER A 378 -1.59 -3.80 3.06
N GLU A 379 -2.80 -3.24 3.07
CA GLU A 379 -3.74 -3.53 1.98
C GLU A 379 -4.84 -2.48 1.99
N ALA A 380 -5.25 -2.04 0.81
CA ALA A 380 -6.39 -1.17 0.69
C ALA A 380 -7.13 -1.55 -0.58
N CYS A 381 -8.44 -1.49 -0.53
CA CYS A 381 -9.14 -1.70 -1.76
C CYS A 381 -10.51 -1.02 -1.75
N VAL A 382 -11.07 -0.88 -2.95
CA VAL A 382 -12.33 -0.23 -3.14
C VAL A 382 -13.12 -1.04 -4.18
N GLY A 383 -14.42 -0.94 -4.13
CA GLY A 383 -15.28 -1.68 -5.04
C GLY A 383 -15.53 -3.12 -4.62
N SER A 384 -15.31 -3.46 -3.36
CA SER A 384 -15.41 -4.84 -2.87
C SER A 384 -16.85 -5.27 -2.54
N LYS A 385 -17.72 -4.33 -2.20
CA LYS A 385 -19.10 -4.72 -1.90
C LYS A 385 -19.76 -5.25 -3.18
N PHE A 386 -20.62 -6.24 -3.04
CA PHE A 386 -21.12 -6.96 -4.22
C PHE A 386 -21.92 -6.04 -5.12
N TRP A 387 -22.52 -5.02 -4.54
CA TRP A 387 -23.44 -4.20 -5.25
C TRP A 387 -22.74 -2.99 -5.84
N GLU A 388 -21.48 -2.78 -5.49
CA GLU A 388 -20.66 -1.76 -6.13
C GLU A 388 -20.14 -2.35 -7.44
N GLN A 389 -20.24 -1.62 -8.54
CA GLN A 389 -19.54 -2.02 -9.77
C GLN A 389 -18.05 -2.17 -9.44
N SER A 390 -17.46 -3.33 -9.72
CA SER A 390 -16.09 -3.62 -9.24
C SER A 390 -15.09 -2.64 -9.88
N VAL A 391 -15.20 -2.47 -11.20
CA VAL A 391 -14.31 -1.59 -11.89
C VAL A 391 -15.16 -0.45 -12.47
N ARG A 392 -14.88 0.77 -12.02
CA ARG A 392 -15.57 1.96 -12.55
C ARG A 392 -14.48 2.79 -13.23
N LEU A 393 -14.38 2.62 -14.54
CA LEU A 393 -13.29 3.23 -15.28
C LEU A 393 -13.46 4.75 -15.34
N GLY A 394 -12.57 5.45 -14.65
CA GLY A 394 -12.56 6.86 -14.66
C GLY A 394 -13.22 7.46 -13.43
N SER A 395 -13.47 6.67 -12.40
CA SER A 395 -14.12 7.18 -11.17
C SER A 395 -13.22 8.14 -10.38
N TRP A 396 -13.56 9.41 -10.45
CA TRP A 396 -12.86 10.42 -9.61
C TRP A 396 -13.18 10.19 -8.13
N ASP A 397 -14.39 9.77 -7.84
CA ASP A 397 -14.79 9.50 -6.44
C ASP A 397 -13.89 8.45 -5.82
N ARG A 398 -13.63 7.36 -6.54
CA ARG A 398 -12.72 6.33 -5.99
C ARG A 398 -11.30 6.87 -5.84
N GLY A 399 -10.85 7.72 -6.75
CA GLY A 399 -9.57 8.39 -6.57
C GLY A 399 -9.51 9.18 -5.27
N MET A 400 -10.54 10.00 -5.04
CA MET A 400 -10.59 10.82 -3.81
C MET A 400 -10.64 9.90 -2.59
N GLN A 401 -11.31 8.76 -2.68
CA GLN A 401 -11.32 7.84 -1.54
C GLN A 401 -9.91 7.38 -1.22
N TYR A 402 -9.13 7.11 -2.26
CA TYR A 402 -7.77 6.66 -2.10
CA TYR A 402 -7.80 6.68 -2.12
C TYR A 402 -6.95 7.76 -1.42
N SER A 403 -6.95 8.98 -1.97
CA SER A 403 -6.06 10.01 -1.41
C SER A 403 -6.55 10.44 -0.02
N HIS A 404 -7.84 10.51 0.19
CA HIS A 404 -8.33 10.84 1.52
C HIS A 404 -7.88 9.78 2.55
N SER A 405 -7.95 8.51 2.17
CA SER A 405 -7.49 7.41 3.04
CA SER A 405 -7.50 7.44 3.06
C SER A 405 -5.99 7.55 3.33
N ILE A 406 -5.18 7.88 2.31
CA ILE A 406 -3.77 7.99 2.51
C ILE A 406 -3.47 9.15 3.47
N ILE A 407 -4.14 10.29 3.26
CA ILE A 407 -3.93 11.40 4.16
C ILE A 407 -4.33 10.98 5.58
N THR A 408 -5.46 10.30 5.78
CA THR A 408 -5.92 9.89 7.09
C THR A 408 -4.86 8.98 7.74
N ASN A 409 -4.40 8.02 6.98
CA ASN A 409 -3.35 7.10 7.35
C ASN A 409 -2.12 7.86 7.86
N LEU A 410 -1.64 8.83 7.07
CA LEU A 410 -0.42 9.57 7.44
C LEU A 410 -0.65 10.45 8.67
N LEU A 411 -1.83 11.04 8.81
CA LEU A 411 -2.12 11.90 9.98
C LEU A 411 -2.28 11.06 11.25
N TYR A 412 -2.50 9.75 11.11
CA TYR A 412 -2.61 8.89 12.28
C TYR A 412 -1.42 7.95 12.38
N HIS A 413 -0.27 8.45 11.97
CA HIS A 413 1.07 7.93 12.34
C HIS A 413 1.45 6.69 11.54
N VAL A 414 0.69 6.33 10.51
CA VAL A 414 1.01 5.14 9.76
C VAL A 414 2.18 5.42 8.82
N VAL A 415 3.10 4.44 8.71
CA VAL A 415 4.41 4.64 8.05
C VAL A 415 4.39 4.22 6.58
N GLY A 416 3.34 3.62 6.10
CA GLY A 416 3.33 3.21 4.71
C GLY A 416 1.96 2.81 4.29
N TRP A 417 1.81 2.68 2.98
CA TRP A 417 0.50 2.38 2.41
CA TRP A 417 0.52 2.39 2.39
C TRP A 417 0.70 1.42 1.23
N THR A 418 0.00 0.32 1.27
CA THR A 418 0.10 -0.71 0.23
C THR A 418 -1.27 -0.94 -0.42
N ASP A 419 -1.33 -0.74 -1.72
CA ASP A 419 -2.51 -1.03 -2.50
C ASP A 419 -2.64 -2.57 -2.59
N TRP A 420 -3.82 -3.02 -3.01
CA TRP A 420 -4.07 -4.44 -3.23
C TRP A 420 -3.60 -4.75 -4.67
N ASN A 421 -4.32 -5.50 -5.46
CA ASN A 421 -3.79 -5.99 -6.73
C ASN A 421 -3.23 -4.90 -7.64
N LEU A 422 -2.05 -5.14 -8.16
CA LEU A 422 -1.39 -4.14 -8.99
C LEU A 422 -2.13 -3.91 -10.32
N ALA A 423 -2.82 -4.93 -10.81
CA ALA A 423 -3.58 -4.82 -12.05
C ALA A 423 -4.70 -5.85 -12.05
N LEU A 424 -5.84 -5.45 -12.60
CA LEU A 424 -6.97 -6.41 -12.77
C LEU A 424 -7.57 -6.29 -14.18
N ASN A 425 -8.41 -7.23 -14.52
CA ASN A 425 -9.12 -7.17 -15.81
C ASN A 425 -10.36 -6.27 -15.64
N PRO A 426 -11.09 -6.05 -16.72
CA PRO A 426 -12.23 -5.16 -16.58
C PRO A 426 -13.41 -5.64 -15.71
N GLU A 427 -13.43 -6.92 -15.41
CA GLU A 427 -14.39 -7.50 -14.46
C GLU A 427 -13.91 -7.26 -13.02
N GLY A 428 -12.65 -6.89 -12.82
CA GLY A 428 -12.07 -6.83 -11.45
C GLY A 428 -11.49 -8.17 -10.99
N GLY A 429 -11.07 -8.98 -11.94
CA GLY A 429 -10.56 -10.32 -11.69
C GLY A 429 -9.27 -10.63 -12.43
N PRO A 430 -8.89 -11.90 -12.54
CA PRO A 430 -9.64 -13.07 -12.10
C PRO A 430 -9.62 -13.28 -10.58
N ASN A 431 -10.57 -14.10 -10.15
CA ASN A 431 -10.80 -14.37 -8.75
C ASN A 431 -11.67 -15.62 -8.66
N TRP A 432 -11.20 -16.66 -7.98
CA TRP A 432 -11.84 -17.97 -8.09
C TRP A 432 -13.14 -18.03 -7.27
N VAL A 433 -13.41 -17.05 -6.41
CA VAL A 433 -14.72 -16.98 -5.78
C VAL A 433 -15.51 -15.77 -6.29
N ARG A 434 -15.07 -15.13 -7.38
CA ARG A 434 -15.81 -14.03 -7.99
C ARG A 434 -15.87 -12.81 -7.05
N ASN A 435 -14.87 -12.68 -6.18
CA ASN A 435 -14.76 -11.54 -5.26
C ASN A 435 -14.11 -10.33 -5.96
N PHE A 436 -14.77 -9.78 -6.95
CA PHE A 436 -14.10 -8.80 -7.83
C PHE A 436 -14.00 -7.43 -7.13
N VAL A 437 -13.00 -6.64 -7.52
CA VAL A 437 -12.72 -5.34 -6.90
C VAL A 437 -12.06 -4.45 -7.93
N ASP A 438 -11.86 -3.19 -7.58
CA ASP A 438 -11.19 -2.23 -8.48
C ASP A 438 -9.65 -2.33 -8.30
N SER A 439 -8.94 -1.78 -9.27
CA SER A 439 -7.47 -1.70 -9.23
C SER A 439 -7.06 -0.39 -9.94
N PRO A 440 -5.94 0.21 -9.55
CA PRO A 440 -5.49 1.43 -10.23
C PRO A 440 -5.14 1.24 -11.72
N ILE A 441 -4.84 0.01 -12.15
CA ILE A 441 -4.60 -0.26 -13.57
C ILE A 441 -5.47 -1.44 -13.96
N ILE A 442 -6.19 -1.25 -15.02
CA ILE A 442 -7.11 -2.23 -15.60
C ILE A 442 -6.59 -2.62 -16.98
N VAL A 443 -6.39 -3.93 -17.17
CA VAL A 443 -5.84 -4.49 -18.43
C VAL A 443 -6.97 -4.99 -19.33
N ASP A 444 -6.95 -4.58 -20.59
CA ASP A 444 -7.88 -5.09 -21.59
C ASP A 444 -7.12 -5.80 -22.68
N ILE A 445 -7.04 -7.12 -22.54
CA ILE A 445 -6.16 -7.97 -23.38
C ILE A 445 -6.62 -7.88 -24.84
N THR A 446 -7.91 -7.81 -25.07
CA THR A 446 -8.45 -7.79 -26.45
C THR A 446 -7.96 -6.57 -27.26
N LYS A 447 -7.53 -5.49 -26.58
CA LYS A 447 -7.02 -4.30 -27.27
C LYS A 447 -5.52 -4.09 -26.97
N ASP A 448 -4.89 -5.07 -26.33
CA ASP A 448 -3.52 -4.91 -25.79
C ASP A 448 -3.31 -3.52 -25.18
N THR A 449 -4.24 -3.16 -24.30
CA THR A 449 -4.29 -1.83 -23.74
C THR A 449 -4.38 -1.97 -22.23
N PHE A 450 -3.89 -1.00 -21.50
CA PHE A 450 -4.27 -0.88 -20.09
C PHE A 450 -4.68 0.56 -19.82
N TYR A 451 -5.50 0.70 -18.78
CA TYR A 451 -6.08 1.95 -18.41
C TYR A 451 -5.62 2.36 -17.02
N LYS A 452 -5.11 3.58 -16.88
CA LYS A 452 -4.70 4.05 -15.55
C LYS A 452 -5.87 4.85 -14.98
N GLN A 453 -6.41 4.34 -13.89
CA GLN A 453 -7.54 4.95 -13.21
C GLN A 453 -7.16 6.22 -12.44
N PRO A 454 -8.13 7.10 -12.16
CA PRO A 454 -7.81 8.14 -11.20
C PRO A 454 -7.11 7.69 -9.91
N MET A 455 -7.50 6.54 -9.38
CA MET A 455 -6.82 5.98 -8.21
C MET A 455 -5.28 5.93 -8.40
N PHE A 456 -4.82 5.61 -9.58
CA PHE A 456 -3.39 5.51 -9.85
C PHE A 456 -2.75 6.88 -9.60
N TYR A 457 -3.37 7.93 -10.08
CA TYR A 457 -2.81 9.27 -9.96
C TYR A 457 -2.95 9.78 -8.53
N HIS A 458 -4.07 9.47 -7.88
CA HIS A 458 -4.23 9.85 -6.46
C HIS A 458 -3.13 9.22 -5.61
N LEU A 459 -2.87 7.94 -5.84
CA LEU A 459 -1.78 7.27 -5.09
C LEU A 459 -0.41 7.88 -5.45
N GLY A 460 -0.21 8.10 -6.73
CA GLY A 460 1.02 8.67 -7.29
C GLY A 460 1.42 10.01 -6.71
N HIS A 461 0.42 10.83 -6.36
CA HIS A 461 0.66 12.17 -5.77
C HIS A 461 1.39 12.02 -4.44
N PHE A 462 1.31 10.83 -3.85
CA PHE A 462 2.06 10.49 -2.68
C PHE A 462 3.29 9.66 -3.01
N SER A 463 3.12 8.51 -3.69
CA SER A 463 4.23 7.53 -3.80
C SER A 463 5.39 8.18 -4.56
N LYS A 464 5.10 9.01 -5.56
CA LYS A 464 6.19 9.50 -6.34
C LYS A 464 7.03 10.53 -5.57
N PHE A 465 6.43 11.24 -4.60
CA PHE A 465 7.04 12.43 -4.02
C PHE A 465 7.44 12.20 -2.56
N ILE A 466 7.33 10.99 -2.03
CA ILE A 466 7.65 10.76 -0.64
C ILE A 466 8.60 9.56 -0.62
N PRO A 467 9.88 9.81 -0.75
CA PRO A 467 10.87 8.76 -0.64
C PRO A 467 10.93 8.11 0.75
N GLU A 468 11.39 6.87 0.75
CA GLU A 468 11.54 6.15 2.00
C GLU A 468 12.44 6.97 2.91
N GLY A 469 12.05 7.07 4.19
CA GLY A 469 12.83 7.82 5.13
C GLY A 469 12.35 9.26 5.29
N SER A 470 11.40 9.68 4.46
CA SER A 470 10.71 10.98 4.67
C SER A 470 10.03 10.98 6.02
N GLN A 471 9.84 12.17 6.56
CA GLN A 471 9.25 12.30 7.87
C GLN A 471 8.06 13.26 7.76
N ARG A 472 6.92 12.82 8.27
CA ARG A 472 5.79 13.71 8.33
C ARG A 472 6.09 14.84 9.32
N VAL A 473 5.66 16.04 8.95
CA VAL A 473 5.79 17.20 9.77
C VAL A 473 4.44 17.88 9.89
N GLY A 474 4.33 18.82 10.81
CA GLY A 474 3.07 19.47 11.03
C GLY A 474 2.73 20.47 9.93
N LEU A 475 1.44 20.77 9.83
CA LEU A 475 0.94 21.73 8.88
C LEU A 475 -0.33 22.35 9.48
N VAL A 476 -0.33 23.65 9.77
CA VAL A 476 -1.35 24.31 10.59
C VAL A 476 -2.14 25.30 9.73
N ALA A 477 -3.46 25.17 9.72
CA ALA A 477 -4.34 26.12 8.99
C ALA A 477 -4.69 27.32 9.89
N SER A 478 -4.68 28.49 9.27
CA SER A 478 -5.00 29.76 9.90
C SER A 478 -6.51 29.90 10.16
N GLN A 479 -7.33 29.15 9.42
CA GLN A 479 -8.81 29.27 9.51
C GLN A 479 -9.43 27.95 9.06
N LYS A 480 -10.65 27.69 9.52
CA LYS A 480 -11.38 26.48 9.14
C LYS A 480 -11.55 26.46 7.61
N ASN A 481 -11.45 25.28 7.03
CA ASN A 481 -11.48 25.13 5.58
C ASN A 481 -11.86 23.69 5.21
N ASP A 482 -12.14 23.47 3.93
CA ASP A 482 -12.64 22.20 3.44
C ASP A 482 -11.52 21.28 2.90
N LEU A 483 -10.28 21.76 2.91
CA LEU A 483 -9.17 21.01 2.28
C LEU A 483 -8.65 19.90 3.20
N ASP A 484 -8.10 18.86 2.58
CA ASP A 484 -7.32 17.80 3.27
C ASP A 484 -5.87 17.98 2.87
N ALA A 485 -4.93 17.89 3.81
CA ALA A 485 -3.55 18.12 3.43
C ALA A 485 -2.58 17.44 4.40
N VAL A 486 -1.39 17.21 3.89
CA VAL A 486 -0.35 16.61 4.70
C VAL A 486 1.00 17.13 4.21
N ALA A 487 1.96 17.28 5.10
CA ALA A 487 3.30 17.83 4.80
C ALA A 487 4.36 16.83 5.26
N LEU A 488 5.41 16.70 4.48
CA LEU A 488 6.51 15.83 4.88
C LEU A 488 7.83 16.48 4.48
N MET A 489 8.89 15.99 5.12
CA MET A 489 10.22 16.44 4.80
C MET A 489 11.00 15.24 4.25
N HIS A 490 11.63 15.43 3.11
CA HIS A 490 12.49 14.37 2.56
C HIS A 490 13.75 14.18 3.40
N PRO A 491 14.40 13.00 3.24
CA PRO A 491 15.66 12.83 3.94
C PRO A 491 16.70 13.93 3.67
N ASP A 492 16.68 14.53 2.47
CA ASP A 492 17.62 15.62 2.15
C ASP A 492 17.14 17.02 2.57
N GLY A 493 16.04 17.09 3.32
CA GLY A 493 15.53 18.34 3.89
C GLY A 493 14.46 19.02 3.04
N SER A 494 14.20 18.52 1.84
CA SER A 494 13.24 19.18 0.93
C SER A 494 11.81 18.99 1.44
N ALA A 495 10.89 19.87 1.02
CA ALA A 495 9.50 19.83 1.52
C ALA A 495 8.57 19.29 0.43
N VAL A 496 7.56 18.55 0.88
CA VAL A 496 6.48 18.08 0.01
C VAL A 496 5.17 18.31 0.76
N VAL A 497 4.18 18.89 0.06
CA VAL A 497 2.88 19.04 0.64
C VAL A 497 1.86 18.53 -0.36
N VAL A 498 0.89 17.73 0.09
CA VAL A 498 -0.17 17.21 -0.77
C VAL A 498 -1.45 17.90 -0.29
N VAL A 499 -2.22 18.41 -1.22
CA VAL A 499 -3.43 19.15 -0.91
C VAL A 499 -4.56 18.55 -1.73
N LEU A 500 -5.58 18.04 -1.05
CA LEU A 500 -6.72 17.42 -1.68
C LEU A 500 -7.96 18.28 -1.46
N ASN A 501 -8.67 18.56 -2.54
CA ASN A 501 -9.91 19.29 -2.46
C ASN A 501 -11.04 18.41 -2.97
N ARG A 502 -11.85 17.92 -2.05
CA ARG A 502 -12.97 17.06 -2.38
C ARG A 502 -14.24 17.89 -2.62
N SER A 503 -14.15 19.21 -2.53
CA SER A 503 -15.32 20.09 -2.70
C SER A 503 -15.40 20.57 -4.16
N SER A 504 -16.54 21.11 -4.53
CA SER A 504 -16.70 21.67 -5.86
C SER A 504 -16.09 23.08 -5.99
N LYS A 505 -15.65 23.67 -4.88
CA LYS A 505 -15.30 25.09 -4.85
C LYS A 505 -13.78 25.29 -4.99
N ASP A 506 -13.35 26.24 -5.83
CA ASP A 506 -11.91 26.58 -5.96
C ASP A 506 -11.52 27.33 -4.68
N VAL A 507 -10.44 26.92 -4.02
CA VAL A 507 -10.00 27.49 -2.70
C VAL A 507 -8.61 28.11 -2.88
N PRO A 508 -8.53 29.44 -2.92
CA PRO A 508 -7.24 30.13 -2.91
C PRO A 508 -6.55 29.84 -1.58
N LEU A 509 -5.25 29.71 -1.62
CA LEU A 509 -4.54 29.51 -0.37
C LEU A 509 -3.07 29.87 -0.56
N THR A 510 -2.42 30.04 0.58
CA THR A 510 -1.02 30.31 0.62
C THR A 510 -0.37 29.28 1.53
N ILE A 511 0.74 28.73 1.10
CA ILE A 511 1.51 27.88 2.01
C ILE A 511 2.70 28.70 2.51
N LYS A 512 2.93 28.71 3.82
CA LYS A 512 4.06 29.41 4.36
C LYS A 512 5.04 28.37 4.92
N ASP A 513 6.27 28.48 4.47
CA ASP A 513 7.38 27.77 5.06
C ASP A 513 8.21 28.80 5.80
N PRO A 514 8.18 28.80 7.15
CA PRO A 514 8.80 29.86 7.91
C PRO A 514 10.26 30.13 7.48
N ALA A 515 10.98 29.10 7.05
CA ALA A 515 12.40 29.26 6.73
C ALA A 515 12.62 29.83 5.32
N VAL A 516 11.59 29.85 4.48
CA VAL A 516 11.77 29.87 3.01
C VAL A 516 10.92 30.98 2.36
N GLY A 517 9.64 31.08 2.72
CA GLY A 517 8.75 32.08 2.14
C GLY A 517 7.36 31.53 1.91
N PHE A 518 6.64 32.15 0.97
CA PHE A 518 5.25 31.92 0.73
C PHE A 518 5.02 31.36 -0.67
N LEU A 519 4.14 30.37 -0.76
CA LEU A 519 3.71 29.78 -2.03
C LEU A 519 2.25 30.19 -2.25
N GLU A 520 1.97 31.04 -3.23
CA GLU A 520 0.61 31.51 -3.45
C GLU A 520 0.00 30.59 -4.49
N THR A 521 -1.15 30.02 -4.18
CA THR A 521 -1.69 29.02 -5.08
C THR A 521 -3.21 29.04 -4.96
N ILE A 522 -3.78 28.07 -5.64
CA ILE A 522 -5.19 27.86 -5.61
C ILE A 522 -5.40 26.34 -5.65
N SER A 523 -6.33 25.85 -4.84
CA SER A 523 -6.76 24.43 -4.89
C SER A 523 -8.09 24.34 -5.63
N PRO A 524 -8.06 24.01 -6.92
CA PRO A 524 -9.34 23.95 -7.62
C PRO A 524 -10.30 22.89 -7.08
N GLY A 525 -11.59 23.11 -7.25
CA GLY A 525 -12.55 22.07 -6.91
C GLY A 525 -12.19 20.76 -7.58
N TYR A 526 -12.38 19.67 -6.85
CA TYR A 526 -12.14 18.30 -7.36
C TYR A 526 -10.74 18.17 -7.96
N SER A 527 -9.75 18.49 -7.13
CA SER A 527 -8.37 18.37 -7.54
C SER A 527 -7.51 17.78 -6.43
N ILE A 528 -6.32 17.41 -6.86
CA ILE A 528 -5.26 17.08 -5.89
C ILE A 528 -3.96 17.66 -6.42
N HIS A 529 -3.18 18.23 -5.52
CA HIS A 529 -1.94 18.89 -5.89
C HIS A 529 -0.82 18.35 -5.03
N THR A 530 0.34 18.17 -5.61
CA THR A 530 1.54 17.97 -4.78
C THR A 530 2.52 19.11 -5.04
N TYR A 531 3.01 19.71 -3.96
CA TYR A 531 3.95 20.81 -3.99
C TYR A 531 5.31 20.32 -3.48
N LEU A 532 6.40 20.68 -4.17
CA LEU A 532 7.75 20.34 -3.71
C LEU A 532 8.64 21.56 -3.83
N TRP A 533 9.53 21.72 -2.86
CA TRP A 533 10.51 22.79 -2.94
C TRP A 533 11.72 22.46 -2.07
N ARG A 534 12.83 23.01 -2.48
CA ARG A 534 14.05 22.97 -1.65
C ARG A 534 13.96 23.99 -0.53
N ARG A 535 14.54 23.62 0.61
CA ARG A 535 14.50 24.47 1.79
C ARG A 535 15.89 24.99 2.14
N GLN A 536 16.15 26.26 1.81
CA GLN A 536 17.46 26.86 2.10
C GLN A 536 17.60 26.92 3.61
N HIS A 537 18.84 26.90 4.06
CA HIS A 537 19.13 27.09 5.45
C HIS A 537 18.78 28.54 5.83
N HIS A 538 18.08 28.70 6.95
CA HIS A 538 17.65 29.99 7.45
C HIS A 538 17.63 29.97 8.98
N HIS A 539 18.11 31.03 9.60
CA HIS A 539 18.01 31.17 11.06
C HIS A 539 16.90 32.16 11.43
N HIS A 540 16.17 31.85 12.50
CA HIS A 540 15.15 32.76 13.06
C HIS A 540 15.79 33.65 14.14
C1 NAG B . -1.45 3.15 -29.06
C2 NAG B . -1.69 2.77 -30.53
C3 NAG B . -1.34 3.97 -31.42
C4 NAG B . -2.00 5.25 -30.90
C5 NAG B . -1.63 5.46 -29.43
C6 NAG B . -2.21 6.74 -28.83
C7 NAG B . -1.25 0.41 -31.06
C8 NAG B . -0.19 -0.61 -31.34
N2 NAG B . -0.83 1.65 -30.82
O3 NAG B . -1.77 3.62 -32.75
O4 NAG B . -1.45 6.37 -31.60
O5 NAG B . -2.12 4.33 -28.73
O6 NAG B . -3.63 6.75 -28.93
O7 NAG B . -2.43 0.10 -31.06
H1 NAG B . -0.37 3.32 -28.97
H2 NAG B . -2.75 2.51 -30.66
H3 NAG B . -0.26 4.10 -31.41
H4 NAG B . -3.09 5.18 -31.02
H5 NAG B . -0.53 5.52 -29.34
H61 NAG B . -1.79 7.62 -29.32
H62 NAG B . -1.93 6.80 -27.77
H81 NAG B . 0.25 -0.92 -30.43
H82 NAG B . -0.61 -1.44 -31.84
H83 NAG B . 0.57 -0.18 -31.95
HN2 NAG B . 0.17 1.82 -30.85
HO3 NAG B . -1.51 4.34 -33.36
HO6 NAG B . -3.97 7.57 -28.54
C1 NAG B . -2.46 7.24 -32.09
C2 NAG B . -1.78 8.55 -32.46
C3 NAG B . -2.78 9.51 -33.09
C4 NAG B . -3.40 8.84 -34.29
C5 NAG B . -4.07 7.55 -33.84
C6 NAG B . -4.71 6.80 -35.00
C7 NAG B . 0.07 9.14 -30.99
C8 NAG B . 0.43 9.93 -29.76
N2 NAG B . -1.20 9.23 -31.32
O3 NAG B . -2.03 10.65 -33.50
O4 NAG B . -4.32 9.74 -34.95
O5 NAG B . -3.06 6.71 -33.27
O6 NAG B . -3.74 6.63 -36.02
O7 NAG B . 0.87 8.47 -31.60
H1 NAG B . -3.22 7.44 -31.33
H2 NAG B . -0.99 8.34 -33.21
H3 NAG B . -3.55 9.78 -32.36
H4 NAG B . -2.59 8.58 -35.00
H5 NAG B . -4.84 7.80 -33.09
H61 NAG B . -5.57 7.37 -35.38
H62 NAG B . -5.07 5.83 -34.66
H81 NAG B . -0.15 9.59 -28.94
H82 NAG B . 1.46 9.82 -29.55
H83 NAG B . 0.22 10.96 -29.93
HN2 NAG B . -1.81 9.80 -30.76
HO3 NAG B . -2.73 11.23 -33.94
HO4 NAG B . -4.62 9.30 -35.72
HO6 NAG B . -4.14 6.17 -36.69
C1 NAG C . 17.60 -23.45 14.54
C2 NAG C . 16.86 -24.78 14.54
C3 NAG C . 17.87 -25.92 14.40
C4 NAG C . 18.85 -25.71 13.25
C5 NAG C . 19.36 -24.26 13.17
C6 NAG C . 20.06 -23.99 11.84
C7 NAG C . 14.79 -24.84 15.90
C8 NAG C . 13.96 -24.51 14.69
N2 NAG C . 16.12 -24.96 15.78
O3 NAG C . 17.17 -27.15 14.19
O4 NAG C . 19.99 -26.57 13.46
O5 NAG C . 18.30 -23.33 13.30
O6 NAG C . 21.46 -24.20 11.98
O7 NAG C . 14.26 -25.01 16.98
H1 NAG C . 18.32 -23.48 15.36
H2 NAG C . 16.20 -24.80 13.67
H3 NAG C . 18.44 -25.99 15.34
H4 NAG C . 18.34 -25.95 12.31
H5 NAG C . 20.09 -24.11 13.97
H61 NAG C . 19.87 -22.94 11.54
H62 NAG C . 19.66 -24.64 11.05
H81 NAG C . 14.04 -25.29 13.97
H82 NAG C . 12.94 -24.39 14.98
H83 NAG C . 14.30 -23.60 14.26
HN2 NAG C . 16.65 -25.18 16.60
HO3 NAG C . 17.80 -27.89 14.17
HO6 NAG C . 21.88 -24.02 11.12
C1 NAG C . 20.09 -27.60 12.46
C2 NAG C . 21.35 -28.42 12.69
C3 NAG C . 21.48 -29.55 11.68
C4 NAG C . 20.18 -30.35 11.56
C5 NAG C . 18.97 -29.43 11.42
C6 NAG C . 17.68 -30.23 11.47
C7 NAG C . 23.31 -27.28 13.66
C8 NAG C . 24.47 -26.38 13.35
N2 NAG C . 22.52 -27.56 12.61
O3 NAG C . 22.55 -30.42 12.05
O4 NAG C . 20.27 -31.24 10.45
O5 NAG C . 18.95 -28.46 12.46
O6 NAG C . 16.56 -29.34 11.64
O7 NAG C . 23.13 -27.73 14.78
H1 NAG C . 20.18 -27.13 11.47
H2 NAG C . 21.29 -28.87 13.70
H3 NAG C . 21.70 -29.11 10.69
H4 NAG C . 20.06 -30.93 12.48
H5 NAG C . 19.03 -28.93 10.44
H61 NAG C . 17.71 -30.93 12.30
H62 NAG C . 17.55 -30.80 10.55
H81 NAG C . 24.12 -25.40 13.14
H82 NAG C . 25.12 -26.34 14.20
H83 NAG C . 25.00 -26.75 12.52
HN2 NAG C . 22.74 -27.15 11.72
HO3 NAG C . 22.66 -31.13 11.41
HO4 NAG C . 19.47 -31.80 10.44
HO6 NAG C . 15.75 -29.86 11.67
C1 NAG D . 8.75 42.79 0.23
C2 NAG D . 9.10 43.51 -1.08
C3 NAG D . 10.34 44.41 -0.93
C4 NAG D . 10.73 44.71 0.53
C5 NAG D . 9.57 44.71 1.54
C6 NAG D . 9.01 46.13 1.71
C7 NAG D . 10.11 41.58 -2.29
C8 NAG D . 10.06 40.80 -3.58
N2 NAG D . 9.24 42.60 -2.22
O3 NAG D . 10.11 45.65 -1.60
O4 NAG D . 11.74 43.78 0.96
O5 NAG D . 8.49 43.82 1.20
O6 NAG D . 8.29 46.23 2.95
O7 NAG D . 10.89 41.27 -1.40
H1 NAG D . 9.63 42.22 0.54
H2 NAG D . 8.25 44.18 -1.31
H3 NAG D . 11.19 43.90 -1.40
H4 NAG D . 11.18 45.71 0.53
H5 NAG D . 9.98 44.39 2.51
H61 NAG D . 8.35 46.36 0.89
H62 NAG D . 9.83 46.85 1.72
H81 NAG D . 10.40 41.40 -4.36
H82 NAG D . 10.68 39.94 -3.49
H83 NAG D . 9.06 40.49 -3.77
HN2 NAG D . 8.63 42.77 -3.01
HO3 NAG D . 10.98 46.13 -1.63
HO4 NAG D . 12.07 44.06 1.83
HO6 NAG D . 7.92 47.13 2.99
K K E . 4.92 -28.82 -2.79
K K F . -17.92 -5.40 -6.47
S SO4 G . -17.88 8.34 -9.91
O1 SO4 G . -18.16 8.31 -11.36
O2 SO4 G . -17.54 6.98 -9.41
O3 SO4 G . -16.81 9.35 -9.69
O4 SO4 G . -19.09 8.81 -9.20
C2 A1IBE H . -7.95 -9.49 0.91
C3 A1IBE H . -8.69 -10.81 0.72
C5 A1IBE H . -10.07 -10.67 0.06
O9 A1IBE H . -10.35 -7.97 -2.62
C10 A1IBE H . -12.53 -8.80 -1.48
C11 A1IBE H . -13.11 -8.70 -2.72
C12 A1IBE H . -14.48 -8.90 -2.88
C13 A1IBE H . -15.26 -9.19 -1.77
C14 A1IBE H . -14.69 -9.29 -0.53
C15 A1IBE H . -13.33 -9.09 -0.38
N1 A1IBE H . -8.68 -8.59 1.84
O4 A1IBE H . -7.88 -11.65 -0.09
N6 A1IBE H . -10.03 -9.95 -1.22
S7 A1IBE H . -10.78 -8.52 -1.36
O8 A1IBE H . -10.51 -7.80 -0.16
F16 A1IBE H . -12.76 -9.19 0.83
H22 A1IBE H . -7.86 -9.03 0.04
H21 A1IBE H . -7.06 -9.66 1.26
H20 A1IBE H . -8.81 -11.24 1.59
H24 A1IBE H . -10.66 -10.19 0.67
H25 A1IBE H . -10.45 -11.55 -0.09
H27 A1IBE H . -12.58 -8.49 -3.48
H28 A1IBE H . -14.87 -8.83 -3.74
H29 A1IBE H . -16.20 -9.33 -1.88
H30 A1IBE H . -15.22 -9.49 0.24
H18 A1IBE H . -9.35 -9.04 2.27
H19 A1IBE H . -9.05 -7.89 1.38
H19 A1IBE H . -8.10 -8.26 2.47
H23 A1IBE H . -8.27 -11.83 -0.83
H26 A1IBE H . -10.04 -10.43 -1.94
C3 A1IBG I . -10.31 19.29 7.33
C10 A1IBG I . -7.70 15.22 7.88
C11 A1IBG I . -7.67 14.96 9.23
C13 A1IBG I . -8.30 12.68 8.80
C14 A1IBG I . -8.32 12.94 7.45
N1 A1IBG I . -9.50 21.54 6.60
C2 A1IBG I . -9.19 20.33 7.40
O4 A1IBG I . -10.90 19.30 6.04
C5 A1IBG I . -9.78 17.89 7.64
N6 A1IBG I . -8.69 17.49 6.74
S7 A1IBG I . -7.32 16.86 7.32
O8 A1IBG I . -6.94 17.66 8.44
O9 A1IBG I . -6.42 16.74 6.22
C12 A1IBG I . -7.97 13.68 9.70
C15 A1IBG I . -8.02 14.20 7.01
F16 A1IBG I . -8.06 14.46 5.69
H20 A1IBG I . -11.00 19.52 8.00
H27 A1IBG I . -7.45 15.65 9.84
H29 A1IBG I . -8.50 11.80 9.12
H30 A1IBG I . -8.54 12.26 6.83
H18 A1IBG I . -10.28 21.41 6.14
H19 A1IBG I . -8.83 21.70 6.00
H19 A1IBG I . -9.61 22.26 7.14
H22 A1IBG I . -8.36 19.93 7.07
H21 A1IBG I . -9.05 20.60 8.34
H23 A1IBG I . -10.84 18.52 5.69
H25 A1IBG I . -9.44 17.87 8.57
H24 A1IBG I . -10.51 17.24 7.57
H26 A1IBG I . -8.92 17.19 5.96
H28 A1IBG I . -7.95 13.51 10.64
C2 A1IBE J . 13.02 9.66 -6.43
C3 A1IBE J . 13.43 10.26 -5.09
C5 A1IBE J . 12.39 11.24 -4.55
O9 A1IBE J . 12.40 14.12 -4.81
C10 A1IBE J . 10.94 14.26 -6.94
C11 A1IBE J . 11.49 15.49 -7.17
C12 A1IBE J . 11.28 16.14 -8.36
C13 A1IBE J . 10.52 15.55 -9.36
C14 A1IBE J . 9.96 14.32 -9.13
C15 A1IBE J . 10.17 13.68 -7.94
N1 A1IBE J . 13.27 10.59 -7.55
O4 A1IBE J . 13.64 9.18 -4.17
N6 A1IBE J . 11.65 11.95 -5.60
S7 A1IBE J . 11.25 13.49 -5.37
O8 A1IBE J . 10.01 13.48 -4.64
F16 A1IBE J . 9.62 12.47 -7.71
H22 A1IBE J . 12.07 9.43 -6.41
H21 A1IBE J . 13.53 8.83 -6.59
H20 A1IBE J . 14.28 10.74 -5.21
H24 A1IBE J . 12.85 11.90 -3.98
H25 A1IBE J . 11.75 10.75 -3.98
H27 A1IBE J . 12.02 15.91 -6.49
H28 A1IBE J . 11.68 17.00 -8.52
H29 A1IBE J . 10.37 16.00 -10.19
H30 A1IBE J . 9.42 13.90 -9.81
H18 A1IBE J . 13.60 11.38 -7.24
H19 A1IBE J . 13.87 10.23 -8.14
H19 A1IBE J . 12.48 10.76 -8.01
H23 A1IBE J . 13.14 9.31 -3.50
H26 A1IBE J . 11.05 11.49 -6.02
#